data_1AQZ
#
_entry.id   1AQZ
#
_cell.length_a   50.240
_cell.length_b   82.160
_cell.length_c   38.040
_cell.angle_alpha   90.00
_cell.angle_beta   100.50
_cell.angle_gamma   90.00
#
_symmetry.space_group_name_H-M   'P 1 21 1'
#
loop_
_entity.id
_entity.type
_entity.pdbx_description
1 polymer RESTRICTOCIN
2 non-polymer 'PHOSPHATE ION'
3 water water
#
_entity_poly.entity_id   1
_entity_poly.type   'polypeptide(L)'
_entity_poly.pdbx_seq_one_letter_code
;ATWTCINQQLNPKTNKWEDKRLLYSQAKAESNSHHAPLSDGKTGSSYPHWFTNGYDGNGKLIKGRTPIKFGKADCDRPPK
HSQNGMGKDDHYLLEFPTFPDGHDYKFDSKKPKENPGPARVIYTYPNKVFCGIVAHQRGNQGDLRLCSH
;
_entity_poly.pdbx_strand_id   A,B
#
# COMPACT_ATOMS: atom_id res chain seq x y z
N ALA A 1 -0.89 0.87 15.12
CA ALA A 1 -0.77 1.88 14.03
C ALA A 1 -1.72 3.00 14.37
N THR A 2 -1.19 4.21 14.33
CA THR A 2 -1.95 5.38 14.59
C THR A 2 -2.13 6.13 13.29
N TRP A 3 -3.37 6.49 12.99
CA TRP A 3 -3.69 7.27 11.80
C TRP A 3 -3.94 8.71 12.21
N THR A 4 -3.48 9.67 11.41
CA THR A 4 -3.69 11.06 11.71
C THR A 4 -4.54 11.66 10.61
N CYS A 5 -5.58 12.37 11.00
CA CYS A 5 -6.50 12.99 10.05
C CYS A 5 -6.49 14.45 10.35
N ILE A 6 -6.75 15.28 9.36
CA ILE A 6 -6.83 16.73 9.59
C ILE A 6 -8.23 17.11 9.16
N ASN A 7 -8.95 17.81 10.02
CA ASN A 7 -10.31 18.17 9.68
C ASN A 7 -10.50 19.62 10.09
N GLN A 8 -11.17 20.38 9.22
CA GLN A 8 -11.45 21.77 9.52
C GLN A 8 -12.75 21.88 10.24
N GLN A 9 -12.79 22.72 11.25
CA GLN A 9 -13.99 22.93 12.04
C GLN A 9 -14.28 24.43 12.23
N LEU A 10 -15.53 24.76 12.51
CA LEU A 10 -15.93 26.16 12.70
C LEU A 10 -15.56 26.65 14.10
N GLU A 18 -11.03 26.39 11.12
CA GLU A 18 -9.69 26.04 11.67
C GLU A 18 -9.35 24.56 11.62
N ASP A 19 -8.10 24.27 11.23
CA ASP A 19 -7.62 22.90 11.14
C ASP A 19 -7.42 22.17 12.46
N LYS A 20 -8.03 20.99 12.54
CA LYS A 20 -7.99 20.15 13.71
C LYS A 20 -7.25 18.84 13.39
N ARG A 21 -6.33 18.41 14.24
CA ARG A 21 -5.59 17.16 14.03
C ARG A 21 -6.19 16.05 14.88
N LEU A 22 -6.54 14.92 14.26
CA LEU A 22 -7.20 13.87 15.02
C LEU A 22 -6.46 12.57 14.83
N LEU A 23 -6.24 11.84 15.92
CA LEU A 23 -5.56 10.54 15.91
C LEU A 23 -6.51 9.40 16.21
N TYR A 24 -6.30 8.33 15.46
CA TYR A 24 -7.09 7.08 15.52
C TYR A 24 -6.21 5.87 15.60
N SER A 25 -6.62 4.92 16.42
CA SER A 25 -5.92 3.66 16.58
C SER A 25 -6.48 2.73 15.54
N GLN A 26 -5.60 2.09 14.80
CA GLN A 26 -6.07 1.22 13.73
C GLN A 26 -6.85 0.04 14.28
N ALA A 27 -6.42 -0.47 15.44
CA ALA A 27 -7.12 -1.59 16.07
C ALA A 27 -8.56 -1.27 16.48
N LYS A 28 -8.80 -0.08 17.01
CA LYS A 28 -10.14 0.31 17.43
C LYS A 28 -11.09 0.41 16.22
N ALA A 29 -10.58 1.00 15.15
CA ALA A 29 -11.33 1.16 13.91
C ALA A 29 -11.62 -0.22 13.28
N GLU A 30 -10.67 -1.12 13.27
CA GLU A 30 -10.94 -2.42 12.66
C GLU A 30 -12.00 -3.10 13.46
N SER A 31 -11.96 -2.91 14.77
CA SER A 31 -12.96 -3.49 15.66
C SER A 31 -14.37 -2.88 15.41
N ASN A 32 -14.44 -1.59 15.12
CA ASN A 32 -15.71 -0.99 14.82
C ASN A 32 -16.36 -1.64 13.54
N SER A 33 -15.60 -1.78 12.47
CA SER A 33 -16.15 -2.34 11.24
C SER A 33 -16.63 -3.80 11.43
N HIS A 34 -15.94 -4.57 12.26
CA HIS A 34 -16.32 -5.94 12.55
C HIS A 34 -17.63 -5.98 13.30
N HIS A 35 -17.86 -4.97 14.13
CA HIS A 35 -19.08 -4.93 14.90
C HIS A 35 -20.25 -4.37 14.08
N ALA A 36 -19.93 -3.69 12.97
CA ALA A 36 -20.93 -3.08 12.08
C ALA A 36 -21.72 -4.08 11.22
N PRO A 37 -23.00 -3.84 10.97
CA PRO A 37 -23.71 -4.83 10.12
C PRO A 37 -23.28 -4.76 8.63
N LEU A 38 -23.46 -5.85 7.88
CA LEU A 38 -23.09 -5.87 6.46
C LEU A 38 -24.33 -5.44 5.71
N SER A 39 -24.56 -4.14 5.63
CA SER A 39 -25.77 -3.67 5.03
C SER A 39 -25.47 -2.37 4.39
N ASP A 40 -26.16 -2.14 3.28
CA ASP A 40 -26.01 -0.89 2.59
C ASP A 40 -27.11 0.07 2.99
N GLY A 41 -26.88 0.74 4.11
CA GLY A 41 -27.80 1.72 4.59
C GLY A 41 -29.17 1.31 4.99
N LYS A 42 -29.41 0.06 5.36
CA LYS A 42 -30.79 -0.28 5.76
C LYS A 42 -30.86 -0.32 7.30
N THR A 43 -30.61 0.87 7.87
CA THR A 43 -30.50 1.10 9.31
C THR A 43 -31.03 2.48 9.61
N GLY A 44 -31.29 2.72 10.90
CA GLY A 44 -31.82 3.99 11.31
C GLY A 44 -31.01 5.20 10.99
N SER A 45 -29.69 5.11 11.16
CA SER A 45 -28.78 6.22 10.92
C SER A 45 -28.31 6.40 9.47
N SER A 46 -28.52 5.39 8.63
CA SER A 46 -28.07 5.35 7.23
C SER A 46 -26.66 4.76 7.13
N TYR A 47 -26.03 4.45 8.27
CA TYR A 47 -24.72 3.84 8.31
C TYR A 47 -24.83 2.36 8.71
N PRO A 48 -24.00 1.45 8.16
CA PRO A 48 -22.97 1.78 7.16
C PRO A 48 -23.63 1.96 5.80
N HIS A 49 -22.90 2.53 4.85
CA HIS A 49 -23.43 2.67 3.52
C HIS A 49 -22.29 2.62 2.52
N TRP A 50 -22.69 2.34 1.27
CA TRP A 50 -21.77 2.30 0.16
C TRP A 50 -20.90 3.55 0.08
N PHE A 51 -19.60 3.34 -0.13
CA PHE A 51 -18.64 4.41 -0.28
C PHE A 51 -18.32 4.21 -1.73
N THR A 52 -18.75 5.17 -2.58
CA THR A 52 -18.52 5.02 -4.03
C THR A 52 -17.10 5.07 -4.53
N ASN A 53 -16.26 5.89 -3.89
CA ASN A 53 -14.86 6.08 -4.24
C ASN A 53 -14.76 6.58 -5.68
N GLY A 54 -15.80 7.25 -6.15
CA GLY A 54 -15.80 7.78 -7.50
C GLY A 54 -16.33 6.88 -8.60
N TYR A 55 -16.89 5.69 -8.28
CA TYR A 55 -17.39 4.79 -9.31
C TYR A 55 -18.90 4.74 -9.28
N ASP A 56 -19.49 4.25 -10.38
CA ASP A 56 -20.94 3.98 -10.42
C ASP A 56 -21.16 2.50 -10.03
N GLY A 57 -22.38 2.03 -9.92
CA GLY A 57 -22.66 0.66 -9.51
C GLY A 57 -22.26 -0.42 -10.48
N ASN A 58 -21.82 -0.02 -11.65
CA ASN A 58 -21.38 -0.95 -12.68
C ASN A 58 -19.87 -1.02 -12.73
N GLY A 59 -19.18 -0.30 -11.86
CA GLY A 59 -17.73 -0.40 -11.93
C GLY A 59 -17.01 0.56 -12.86
N LYS A 60 -17.72 1.52 -13.39
CA LYS A 60 -17.15 2.54 -14.26
C LYS A 60 -16.81 3.76 -13.44
N LEU A 61 -15.60 4.27 -13.64
CA LEU A 61 -15.08 5.46 -12.97
C LEU A 61 -15.84 6.68 -13.55
N ILE A 62 -16.42 7.52 -12.71
CA ILE A 62 -17.19 8.68 -13.20
C ILE A 62 -16.14 9.67 -13.70
N LYS A 63 -16.44 10.38 -14.78
CA LYS A 63 -15.52 11.39 -15.37
C LYS A 63 -15.23 12.55 -14.44
N GLY A 64 -13.93 12.84 -14.24
CA GLY A 64 -13.51 13.93 -13.39
C GLY A 64 -13.24 13.51 -11.95
N ARG A 65 -13.68 12.31 -11.59
CA ARG A 65 -13.49 11.82 -10.24
C ARG A 65 -12.22 11.00 -10.11
N THR A 66 -11.62 11.07 -8.91
CA THR A 66 -10.37 10.36 -8.64
C THR A 66 -10.47 9.42 -7.42
N PRO A 67 -10.34 8.11 -7.65
CA PRO A 67 -10.43 7.20 -6.52
C PRO A 67 -9.26 7.30 -5.54
N ILE A 68 -9.55 6.99 -4.28
CA ILE A 68 -8.53 6.92 -3.25
C ILE A 68 -7.87 5.57 -3.47
N LYS A 69 -6.56 5.52 -3.45
CA LYS A 69 -5.86 4.26 -3.62
C LYS A 69 -5.51 3.78 -2.20
N PHE A 70 -5.94 2.58 -1.82
CA PHE A 70 -5.66 2.02 -0.51
C PHE A 70 -4.43 1.14 -0.46
N GLY A 71 -4.11 0.46 -1.55
CA GLY A 71 -2.93 -0.41 -1.56
C GLY A 71 -3.24 -1.87 -1.28
N LYS A 72 -4.53 -2.22 -1.27
CA LYS A 72 -4.99 -3.60 -1.02
C LYS A 72 -5.85 -3.93 -2.22
N ALA A 73 -5.54 -5.03 -2.90
CA ALA A 73 -6.26 -5.40 -4.10
C ALA A 73 -7.75 -5.49 -3.83
N ASP A 74 -8.11 -5.95 -2.64
CA ASP A 74 -9.50 -6.09 -2.23
C ASP A 74 -10.23 -4.78 -2.20
N CYS A 75 -9.50 -3.69 -1.88
CA CYS A 75 -10.05 -2.34 -1.78
C CYS A 75 -9.99 -1.52 -3.05
N ASP A 76 -9.00 -1.79 -3.89
CA ASP A 76 -8.82 -1.02 -5.11
C ASP A 76 -9.56 -1.52 -6.36
N ARG A 77 -10.21 -2.65 -6.24
CA ARG A 77 -10.98 -3.21 -7.33
C ARG A 77 -12.26 -2.40 -7.57
N PRO A 78 -12.65 -2.15 -8.83
CA PRO A 78 -13.89 -1.42 -9.08
C PRO A 78 -15.06 -2.22 -8.51
N PRO A 79 -16.09 -1.54 -7.99
CA PRO A 79 -17.23 -2.27 -7.42
C PRO A 79 -18.31 -2.77 -8.35
N LYS A 80 -19.19 -3.58 -7.78
CA LYS A 80 -20.41 -4.04 -8.46
C LYS A 80 -21.46 -3.80 -7.40
N HIS A 81 -22.31 -2.81 -7.63
CA HIS A 81 -23.32 -2.44 -6.67
C HIS A 81 -24.68 -2.32 -7.31
N SER A 82 -25.56 -3.26 -6.99
CA SER A 82 -26.93 -3.27 -7.47
C SER A 82 -27.68 -2.23 -6.64
N GLN A 83 -28.80 -1.79 -7.18
CA GLN A 83 -29.66 -0.75 -6.60
C GLN A 83 -29.82 -0.73 -5.08
N ASN A 84 -29.79 -1.91 -4.48
CA ASN A 84 -30.02 -2.12 -3.05
C ASN A 84 -28.81 -2.67 -2.31
N GLY A 85 -27.71 -2.87 -3.03
CA GLY A 85 -26.50 -3.40 -2.42
C GLY A 85 -26.61 -4.87 -2.07
N MET A 86 -27.59 -5.56 -2.67
CA MET A 86 -27.83 -6.97 -2.40
C MET A 86 -27.84 -7.89 -3.62
N GLY A 87 -27.43 -7.43 -4.78
CA GLY A 87 -27.41 -8.36 -5.91
C GLY A 87 -26.50 -9.53 -5.56
N LYS A 88 -26.74 -10.70 -6.13
CA LYS A 88 -25.93 -11.85 -5.78
C LYS A 88 -24.46 -11.72 -6.22
N ASP A 89 -24.15 -10.77 -7.09
CA ASP A 89 -22.80 -10.60 -7.59
C ASP A 89 -22.05 -9.39 -7.04
N ASP A 90 -22.74 -8.66 -6.17
CA ASP A 90 -22.20 -7.45 -5.55
C ASP A 90 -20.92 -7.62 -4.70
N HIS A 91 -20.05 -6.61 -4.79
CA HIS A 91 -18.81 -6.48 -4.02
C HIS A 91 -18.49 -4.98 -4.10
N TYR A 92 -18.46 -4.34 -2.94
CA TYR A 92 -18.21 -2.89 -2.93
C TYR A 92 -17.65 -2.47 -1.59
N LEU A 93 -17.35 -1.18 -1.41
CA LEU A 93 -16.83 -0.64 -0.16
C LEU A 93 -17.94 -0.07 0.68
N LEU A 94 -17.75 -0.22 1.99
CA LEU A 94 -18.65 0.33 2.98
C LEU A 94 -17.92 1.37 3.85
N GLU A 95 -18.64 2.40 4.29
CA GLU A 95 -18.01 3.37 5.18
C GLU A 95 -18.83 3.38 6.48
N PHE A 96 -18.15 3.53 7.61
CA PHE A 96 -18.79 3.55 8.92
C PHE A 96 -18.05 4.57 9.79
N PRO A 97 -18.81 5.31 10.61
CA PRO A 97 -18.17 6.32 11.48
C PRO A 97 -17.19 5.72 12.48
N THR A 98 -16.06 6.37 12.70
CA THR A 98 -15.05 5.91 13.66
C THR A 98 -14.56 7.17 14.42
N PHE A 99 -14.12 6.97 15.67
CA PHE A 99 -13.75 8.09 16.59
C PHE A 99 -12.42 7.85 17.32
N PRO A 100 -11.77 8.92 17.81
CA PRO A 100 -10.50 8.77 18.54
C PRO A 100 -10.71 7.83 19.74
N ASP A 101 -11.88 7.92 20.39
CA ASP A 101 -12.14 7.03 21.52
C ASP A 101 -12.44 5.55 21.20
N GLY A 102 -12.70 5.20 19.93
CA GLY A 102 -12.98 3.80 19.64
C GLY A 102 -14.36 3.27 19.96
N HIS A 103 -15.27 4.10 20.48
CA HIS A 103 -16.61 3.64 20.76
C HIS A 103 -17.35 3.28 19.44
N ASP A 104 -18.27 2.33 19.61
CA ASP A 104 -19.08 1.84 18.49
C ASP A 104 -20.24 2.74 18.15
N TYR A 105 -20.29 3.25 16.92
CA TYR A 105 -21.38 4.12 16.49
C TYR A 105 -22.79 3.45 16.57
N LYS A 106 -23.80 4.15 17.08
CA LYS A 106 -25.16 3.55 17.19
C LYS A 106 -25.83 3.64 15.83
N PHE A 107 -25.63 2.61 15.00
CA PHE A 107 -26.13 2.61 13.63
C PHE A 107 -27.60 2.63 13.47
N ASP A 108 -28.36 2.25 14.49
CA ASP A 108 -29.82 2.30 14.35
C ASP A 108 -30.41 3.55 15.00
N SER A 109 -29.56 4.46 15.48
CA SER A 109 -30.00 5.69 16.10
C SER A 109 -30.75 6.57 15.07
N LYS A 110 -31.94 7.00 15.44
CA LYS A 110 -32.76 7.84 14.59
C LYS A 110 -33.41 8.79 15.58
N LYS A 111 -33.52 10.05 15.19
CA LYS A 111 -34.04 11.10 16.09
C LYS A 111 -33.96 10.85 17.62
N PRO A 112 -32.81 11.24 18.21
CA PRO A 112 -31.77 11.84 17.37
C PRO A 112 -30.74 10.80 16.82
N LYS A 113 -30.27 11.05 15.61
CA LYS A 113 -29.23 10.24 14.96
C LYS A 113 -27.89 10.67 15.66
N GLU A 114 -27.07 9.69 16.06
CA GLU A 114 -25.81 10.00 16.72
C GLU A 114 -24.95 10.75 15.74
N ASN A 115 -24.27 11.77 16.25
CA ASN A 115 -23.39 12.56 15.40
C ASN A 115 -22.27 11.63 14.88
N PRO A 116 -22.14 11.47 13.54
CA PRO A 116 -21.09 10.59 13.00
C PRO A 116 -19.66 11.17 12.98
N GLY A 117 -19.51 12.47 13.18
CA GLY A 117 -18.22 13.11 13.15
C GLY A 117 -17.64 13.15 11.73
N PRO A 118 -16.34 13.43 11.58
CA PRO A 118 -15.74 13.50 10.25
C PRO A 118 -15.04 12.27 9.71
N ALA A 119 -14.72 11.30 10.58
CA ALA A 119 -13.96 10.16 10.17
C ALA A 119 -14.72 8.86 9.91
N ARG A 120 -14.27 8.10 8.93
CA ARG A 120 -14.89 6.81 8.58
C ARG A 120 -13.85 5.71 8.39
N VAL A 121 -14.19 4.50 8.85
CA VAL A 121 -13.37 3.33 8.57
C VAL A 121 -14.00 2.74 7.22
N ILE A 122 -13.14 2.45 6.25
CA ILE A 122 -13.58 1.89 5.00
C ILE A 122 -13.21 0.40 5.00
N TYR A 123 -14.16 -0.45 4.63
CA TYR A 123 -13.92 -1.90 4.60
C TYR A 123 -14.78 -2.53 3.49
N THR A 124 -14.50 -3.79 3.17
CA THR A 124 -15.23 -4.44 2.06
C THR A 124 -16.57 -5.15 2.35
N TYR A 125 -17.43 -5.26 1.33
CA TYR A 125 -18.63 -6.06 1.39
C TYR A 125 -18.21 -7.03 0.26
N PRO A 126 -18.39 -8.34 0.45
CA PRO A 126 -18.98 -8.91 1.67
C PRO A 126 -18.00 -9.40 2.76
N ASN A 127 -16.69 -9.30 2.56
CA ASN A 127 -15.75 -9.93 3.52
C ASN A 127 -15.17 -9.11 4.65
N LYS A 128 -15.52 -7.84 4.72
CA LYS A 128 -15.02 -6.94 5.76
C LYS A 128 -13.53 -6.79 5.89
N VAL A 129 -12.87 -6.72 4.75
CA VAL A 129 -11.41 -6.49 4.74
C VAL A 129 -11.23 -4.95 5.05
N PHE A 130 -10.29 -4.63 5.96
CA PHE A 130 -9.96 -3.26 6.33
C PHE A 130 -9.20 -2.56 5.24
N CYS A 131 -9.71 -1.43 4.77
CA CYS A 131 -9.07 -0.67 3.71
C CYS A 131 -8.28 0.49 4.23
N GLY A 132 -8.87 1.31 5.13
CA GLY A 132 -8.17 2.46 5.71
C GLY A 132 -9.13 3.36 6.47
N ILE A 133 -8.61 4.46 7.01
CA ILE A 133 -9.42 5.49 7.72
C ILE A 133 -9.37 6.78 6.86
N VAL A 134 -10.51 7.38 6.59
CA VAL A 134 -10.55 8.60 5.73
C VAL A 134 -11.31 9.61 6.54
N ALA A 135 -11.21 10.88 6.16
CA ALA A 135 -11.96 11.88 6.93
C ALA A 135 -12.38 12.98 6.01
N HIS A 136 -13.54 13.54 6.32
CA HIS A 136 -14.09 14.69 5.62
C HIS A 136 -13.14 15.91 5.78
N GLN A 137 -12.92 16.65 4.70
CA GLN A 137 -12.04 17.84 4.78
C GLN A 137 -12.55 18.96 5.72
N ARG A 138 -13.83 19.31 5.60
CA ARG A 138 -14.42 20.36 6.39
C ARG A 138 -15.68 19.80 6.95
N GLY A 139 -15.85 19.91 8.27
CA GLY A 139 -17.04 19.41 8.92
C GLY A 139 -17.25 17.92 8.74
N ASN A 140 -18.51 17.53 8.72
CA ASN A 140 -18.87 16.11 8.65
C ASN A 140 -19.47 15.57 7.35
N GLN A 141 -19.27 16.27 6.24
CA GLN A 141 -19.79 15.80 4.96
C GLN A 141 -18.96 16.44 3.84
N GLY A 142 -19.15 15.97 2.61
CA GLY A 142 -18.36 16.53 1.53
C GLY A 142 -17.20 15.62 1.13
N ASP A 143 -16.12 16.18 0.59
CA ASP A 143 -14.98 15.37 0.17
C ASP A 143 -14.32 14.61 1.32
N LEU A 144 -13.91 13.38 1.07
CA LEU A 144 -13.27 12.49 2.05
C LEU A 144 -11.84 12.41 1.60
N ARG A 145 -10.86 12.37 2.51
CA ARG A 145 -9.44 12.27 2.15
C ARG A 145 -8.85 11.18 3.00
N LEU A 146 -7.93 10.38 2.46
CA LEU A 146 -7.29 9.29 3.21
C LEU A 146 -6.38 9.87 4.30
N CYS A 147 -6.47 9.38 5.53
CA CYS A 147 -5.66 9.84 6.64
C CYS A 147 -4.31 9.20 6.56
N SER A 148 -3.30 9.77 7.17
CA SER A 148 -1.98 9.16 7.03
C SER A 148 -1.57 8.27 8.17
N HIS A 149 -0.55 7.47 7.94
CA HIS A 149 -0.04 6.63 9.01
C HIS A 149 1.37 6.06 8.66
N ALA B 1 16.73 10.41 -13.22
CA ALA B 1 16.24 9.72 -14.43
C ALA B 1 17.27 8.75 -15.00
N THR B 2 18.55 9.14 -15.09
CA THR B 2 19.60 8.15 -15.47
C THR B 2 20.44 7.83 -14.20
N TRP B 3 20.55 6.55 -13.88
CA TRP B 3 21.30 6.11 -12.72
C TRP B 3 22.56 5.45 -13.20
N THR B 4 23.63 5.66 -12.46
CA THR B 4 24.95 5.09 -12.80
C THR B 4 25.48 4.21 -11.66
N CYS B 5 25.71 2.95 -11.99
CA CYS B 5 26.26 2.03 -11.01
C CYS B 5 27.70 1.66 -11.34
N ILE B 6 28.48 1.33 -10.31
CA ILE B 6 29.87 0.89 -10.51
C ILE B 6 29.91 -0.58 -10.13
N ASN B 7 30.37 -1.42 -11.02
CA ASN B 7 30.39 -2.83 -10.69
C ASN B 7 31.75 -3.35 -11.07
N GLN B 8 32.41 -4.01 -10.13
CA GLN B 8 33.71 -4.57 -10.42
C GLN B 8 33.55 -5.87 -11.18
N GLN B 9 34.26 -5.99 -12.30
CA GLN B 9 34.18 -7.20 -13.08
C GLN B 9 35.54 -7.72 -13.49
N LEU B 10 35.65 -9.03 -13.47
CA LEU B 10 36.87 -9.69 -13.86
C LEU B 10 36.98 -9.60 -15.38
N TRP B 17 39.74 -7.54 -12.95
CA TRP B 17 38.88 -6.90 -11.90
C TRP B 17 38.64 -5.42 -12.16
N GLU B 18 38.22 -5.08 -13.36
CA GLU B 18 37.98 -3.69 -13.70
C GLU B 18 36.70 -3.12 -13.13
N ASP B 19 36.71 -1.82 -12.86
CA ASP B 19 35.55 -1.12 -12.32
C ASP B 19 34.71 -0.62 -13.51
N LYS B 20 33.58 -1.26 -13.74
CA LYS B 20 32.68 -0.93 -14.83
C LYS B 20 31.55 0.01 -14.47
N ARG B 21 31.20 0.89 -15.38
CA ARG B 21 30.10 1.82 -15.16
C ARG B 21 28.92 1.30 -15.99
N LEU B 22 27.75 1.22 -15.34
CA LEU B 22 26.53 0.72 -15.91
C LEU B 22 25.50 1.82 -15.74
N LEU B 23 24.74 2.06 -16.80
CA LEU B 23 23.71 3.08 -16.79
C LEU B 23 22.35 2.42 -16.97
N TYR B 24 21.36 2.97 -16.26
CA TYR B 24 19.95 2.49 -16.26
C TYR B 24 19.02 3.69 -16.33
N SER B 25 17.89 3.52 -17.02
CA SER B 25 16.87 4.55 -17.14
C SER B 25 15.90 4.28 -16.03
N GLN B 26 15.58 5.30 -15.25
CA GLN B 26 14.64 5.10 -14.17
C GLN B 26 13.27 4.63 -14.58
N ALA B 27 12.73 5.16 -15.68
CA ALA B 27 11.40 4.82 -16.15
C ALA B 27 11.30 3.33 -16.49
N LYS B 28 12.40 2.84 -17.08
CA LYS B 28 12.51 1.43 -17.50
C LYS B 28 12.56 0.54 -16.28
N ALA B 29 13.34 0.94 -15.28
CA ALA B 29 13.47 0.18 -14.01
C ALA B 29 12.09 0.19 -13.31
N GLU B 30 11.46 1.36 -13.31
CA GLU B 30 10.12 1.43 -12.70
C GLU B 30 9.12 0.53 -13.43
N SER B 31 9.09 0.57 -14.77
CA SER B 31 8.17 -0.29 -15.50
C SER B 31 8.44 -1.82 -15.14
N ASN B 32 9.71 -2.21 -14.91
CA ASN B 32 10.01 -3.59 -14.52
C ASN B 32 9.31 -3.96 -13.23
N SER B 33 9.36 -3.03 -12.26
CA SER B 33 8.74 -3.28 -10.97
C SER B 33 7.20 -3.42 -11.07
N HIS B 34 6.57 -2.72 -12.00
CA HIS B 34 5.14 -2.82 -12.13
C HIS B 34 4.67 -4.15 -12.66
N HIS B 35 5.47 -4.78 -13.52
CA HIS B 35 5.12 -6.07 -14.09
C HIS B 35 5.55 -7.24 -13.20
N ALA B 36 6.41 -7.02 -12.22
CA ALA B 36 6.81 -8.10 -11.31
C ALA B 36 5.59 -8.52 -10.45
N PRO B 37 5.45 -9.82 -10.10
CA PRO B 37 4.30 -10.19 -9.27
C PRO B 37 4.57 -9.58 -7.92
N LEU B 38 3.54 -9.37 -7.12
CA LEU B 38 3.72 -8.78 -5.79
C LEU B 38 3.78 -9.87 -4.71
N SER B 39 4.95 -10.51 -4.64
CA SER B 39 5.24 -11.60 -3.71
C SER B 39 6.73 -11.53 -3.33
N ASP B 40 7.10 -12.28 -2.30
CA ASP B 40 8.46 -12.28 -1.80
C ASP B 40 9.12 -13.65 -1.96
N GLY B 41 9.96 -13.77 -2.98
CA GLY B 41 10.67 -15.00 -3.20
C GLY B 41 9.77 -16.20 -3.39
N LYS B 42 8.53 -15.97 -3.85
CA LYS B 42 7.60 -17.07 -4.05
C LYS B 42 7.51 -17.51 -5.50
N THR B 43 8.54 -17.15 -6.29
CA THR B 43 8.59 -17.46 -7.71
C THR B 43 9.73 -18.43 -8.01
N GLY B 44 9.73 -19.01 -9.21
CA GLY B 44 10.79 -19.93 -9.59
C GLY B 44 12.21 -19.38 -9.52
N SER B 45 12.43 -18.11 -9.89
CA SER B 45 13.76 -17.53 -9.85
C SER B 45 14.12 -16.97 -8.50
N SER B 46 13.13 -16.78 -7.64
CA SER B 46 13.32 -16.22 -6.31
C SER B 46 13.22 -14.69 -6.30
N TYR B 47 12.94 -14.09 -7.46
CA TYR B 47 12.75 -12.65 -7.56
C TYR B 47 11.30 -12.36 -7.94
N PRO B 48 10.69 -11.31 -7.37
CA PRO B 48 11.29 -10.37 -6.39
C PRO B 48 11.39 -10.98 -4.98
N HIS B 49 12.27 -10.44 -4.14
CA HIS B 49 12.33 -10.89 -2.75
C HIS B 49 12.60 -9.69 -1.85
N TRP B 50 12.37 -9.86 -0.57
CA TRP B 50 12.55 -8.84 0.46
C TRP B 50 13.97 -8.33 0.51
N PHE B 51 14.13 -7.02 0.53
CA PHE B 51 15.45 -6.45 0.67
C PHE B 51 15.41 -5.88 2.11
N THR B 52 16.10 -6.58 3.02
CA THR B 52 16.10 -6.19 4.45
C THR B 52 16.63 -4.81 4.79
N ASN B 53 17.63 -4.33 4.03
CA ASN B 53 18.26 -3.04 4.29
C ASN B 53 18.87 -2.96 5.75
N GLY B 54 19.29 -4.11 6.28
CA GLY B 54 19.88 -4.19 7.60
C GLY B 54 18.91 -4.41 8.76
N TYR B 55 17.62 -4.53 8.48
CA TYR B 55 16.62 -4.71 9.53
C TYR B 55 16.12 -6.10 9.65
N ASP B 56 15.54 -6.41 10.80
CA ASP B 56 14.87 -7.69 10.97
C ASP B 56 13.36 -7.48 10.68
N GLY B 57 12.58 -8.54 10.77
CA GLY B 57 11.17 -8.43 10.45
C GLY B 57 10.34 -7.50 11.29
N ASN B 58 10.84 -7.10 12.45
CA ASN B 58 10.10 -6.21 13.34
C ASN B 58 10.43 -4.78 13.14
N GLY B 59 11.34 -4.50 12.21
CA GLY B 59 11.73 -3.14 11.97
C GLY B 59 12.88 -2.73 12.87
N LYS B 60 13.60 -3.73 13.38
CA LYS B 60 14.76 -3.51 14.25
C LYS B 60 16.06 -3.66 13.48
N LEU B 61 16.95 -2.71 13.69
CA LEU B 61 18.24 -2.68 13.02
C LEU B 61 19.23 -3.68 13.63
N ILE B 62 19.81 -4.52 12.79
CA ILE B 62 20.80 -5.49 13.23
C ILE B 62 21.96 -4.66 13.70
N LYS B 63 22.51 -5.01 14.86
CA LYS B 63 23.62 -4.30 15.42
C LYS B 63 24.82 -4.23 14.48
N GLY B 64 25.30 -3.01 14.23
CA GLY B 64 26.47 -2.86 13.37
C GLY B 64 26.21 -2.66 11.88
N ARG B 65 24.94 -2.84 11.46
CA ARG B 65 24.50 -2.67 10.08
C ARG B 65 24.05 -1.23 9.84
N THR B 66 24.39 -0.73 8.66
CA THR B 66 24.10 0.64 8.26
C THR B 66 23.08 0.58 7.11
N PRO B 67 21.86 1.07 7.31
CA PRO B 67 20.92 1.01 6.19
C PRO B 67 21.21 2.03 5.09
N ILE B 68 20.90 1.70 3.83
CA ILE B 68 21.04 2.64 2.73
C ILE B 68 19.87 3.58 2.93
N LYS B 69 20.12 4.87 2.84
CA LYS B 69 19.04 5.82 2.99
C LYS B 69 18.61 6.27 1.57
N PHE B 70 17.33 6.11 1.20
CA PHE B 70 16.84 6.46 -0.14
C PHE B 70 16.28 7.86 -0.25
N GLY B 71 15.84 8.41 0.86
CA GLY B 71 15.28 9.75 0.81
C GLY B 71 13.80 9.89 0.50
N LYS B 72 13.01 8.86 0.78
CA LYS B 72 11.59 8.92 0.60
C LYS B 72 11.05 8.28 1.86
N ALA B 73 9.97 8.80 2.39
CA ALA B 73 9.39 8.29 3.62
C ALA B 73 9.04 6.79 3.63
N ASP B 74 8.31 6.34 2.58
CA ASP B 74 7.89 4.96 2.47
C ASP B 74 9.04 4.02 2.33
N CYS B 75 10.13 4.51 1.72
CA CYS B 75 11.36 3.74 1.51
C CYS B 75 12.24 3.63 2.77
N ASP B 76 12.30 4.73 3.53
CA ASP B 76 13.13 4.84 4.72
C ASP B 76 12.52 4.45 6.07
N ARG B 77 11.21 4.29 6.12
CA ARG B 77 10.62 3.85 7.36
C ARG B 77 10.97 2.39 7.64
N PRO B 78 11.16 2.02 8.90
CA PRO B 78 11.49 0.61 9.08
C PRO B 78 10.34 -0.30 8.68
N PRO B 79 10.69 -1.47 8.17
CA PRO B 79 9.80 -2.52 7.70
C PRO B 79 9.03 -3.31 8.74
N LYS B 80 7.94 -3.86 8.26
CA LYS B 80 7.06 -4.73 9.00
C LYS B 80 6.91 -5.84 7.97
N HIS B 81 7.60 -6.94 8.20
CA HIS B 81 7.60 -8.08 7.29
C HIS B 81 7.34 -9.36 8.06
N SER B 82 6.12 -9.87 7.97
CA SER B 82 5.72 -11.07 8.68
C SER B 82 6.10 -12.36 8.02
N GLN B 83 5.72 -13.43 8.70
CA GLN B 83 5.94 -14.81 8.30
C GLN B 83 6.45 -14.96 6.89
N ASN B 84 5.53 -14.84 5.93
CA ASN B 84 5.82 -15.02 4.54
C ASN B 84 5.70 -13.76 3.69
N GLY B 85 5.79 -12.61 4.32
CA GLY B 85 5.68 -11.38 3.58
C GLY B 85 4.25 -11.14 3.14
N MET B 86 3.32 -11.83 3.81
CA MET B 86 1.89 -11.73 3.52
C MET B 86 1.00 -11.12 4.61
N GLY B 87 1.59 -10.70 5.74
CA GLY B 87 0.82 -10.10 6.82
C GLY B 87 -0.13 -9.03 6.32
N LYS B 88 -1.27 -8.90 6.97
CA LYS B 88 -2.28 -7.94 6.54
C LYS B 88 -1.85 -6.48 6.59
N ASP B 89 -0.82 -6.18 7.39
CA ASP B 89 -0.33 -4.81 7.47
C ASP B 89 1.17 -4.72 7.22
N ASP B 90 1.74 -5.71 6.55
CA ASP B 90 3.17 -5.65 6.23
C ASP B 90 3.45 -4.55 5.26
N HIS B 91 4.65 -4.01 5.37
CA HIS B 91 5.15 -2.94 4.52
C HIS B 91 6.68 -3.17 4.54
N TYR B 92 7.27 -3.43 3.37
CA TYR B 92 8.72 -3.66 3.33
C TYR B 92 9.23 -3.40 1.89
N LEU B 93 10.55 -3.48 1.68
CA LEU B 93 11.19 -3.23 0.37
C LEU B 93 11.37 -4.53 -0.36
N LEU B 94 11.15 -4.50 -1.65
CA LEU B 94 11.34 -5.66 -2.52
C LEU B 94 12.49 -5.33 -3.46
N GLU B 95 13.26 -6.31 -3.89
CA GLU B 95 14.32 -6.09 -4.90
C GLU B 95 14.00 -6.98 -6.14
N PHE B 96 14.18 -6.42 -7.34
CA PHE B 96 13.93 -7.13 -8.63
C PHE B 96 15.07 -6.81 -9.60
N PRO B 97 15.57 -7.80 -10.39
CA PRO B 97 16.68 -7.49 -11.31
C PRO B 97 16.28 -6.40 -12.29
N THR B 98 17.21 -5.55 -12.63
CA THR B 98 16.93 -4.51 -13.61
C THR B 98 18.20 -4.43 -14.49
N PHE B 99 18.03 -4.10 -15.78
CA PHE B 99 19.16 -4.14 -16.73
C PHE B 99 19.32 -2.89 -17.54
N PRO B 100 20.52 -2.63 -18.10
CA PRO B 100 20.60 -1.37 -18.88
C PRO B 100 19.60 -1.35 -20.08
N ASP B 101 19.30 -2.52 -20.67
CA ASP B 101 18.37 -2.60 -21.77
C ASP B 101 16.90 -2.54 -21.42
N GLY B 102 16.59 -2.55 -20.11
CA GLY B 102 15.20 -2.44 -19.69
C GLY B 102 14.30 -3.66 -19.81
N HIS B 103 14.81 -4.77 -20.33
CA HIS B 103 13.95 -5.94 -20.50
C HIS B 103 13.42 -6.50 -19.16
N ASP B 104 12.29 -7.17 -19.23
CA ASP B 104 11.64 -7.77 -18.07
C ASP B 104 12.21 -9.11 -17.66
N TYR B 105 12.82 -9.15 -16.49
CA TYR B 105 13.40 -10.36 -15.99
C TYR B 105 12.38 -11.52 -15.94
N LYS B 106 12.79 -12.72 -16.40
CA LYS B 106 11.93 -13.91 -16.36
C LYS B 106 11.86 -14.47 -14.92
N PHE B 107 10.96 -13.91 -14.13
CA PHE B 107 10.84 -14.29 -12.73
C PHE B 107 10.50 -15.75 -12.46
N ASP B 108 9.95 -16.45 -13.43
CA ASP B 108 9.62 -17.85 -13.19
C ASP B 108 10.66 -18.79 -13.77
N SER B 109 11.73 -18.23 -14.33
CA SER B 109 12.80 -19.04 -14.89
C SER B 109 13.48 -19.79 -13.77
N LYS B 110 13.76 -21.05 -14.02
CA LYS B 110 14.42 -21.92 -13.04
C LYS B 110 15.28 -22.91 -13.84
N LYS B 111 16.49 -23.19 -13.33
CA LYS B 111 17.44 -24.09 -13.98
C LYS B 111 17.17 -24.45 -15.45
N PRO B 112 17.68 -23.62 -16.37
CA PRO B 112 18.47 -22.41 -16.14
C PRO B 112 17.68 -21.14 -15.70
N LYS B 113 18.07 -20.58 -14.56
CA LYS B 113 17.45 -19.34 -14.08
C LYS B 113 18.18 -18.23 -14.84
N GLU B 114 17.43 -17.24 -15.32
CA GLU B 114 18.05 -16.14 -16.05
C GLU B 114 19.08 -15.42 -15.14
N ASN B 115 20.19 -14.96 -15.70
CA ASN B 115 21.21 -14.25 -14.91
C ASN B 115 20.59 -12.90 -14.47
N PRO B 116 20.54 -12.60 -13.15
CA PRO B 116 19.96 -11.33 -12.69
C PRO B 116 20.95 -10.18 -12.74
N GLY B 117 22.19 -10.48 -13.07
CA GLY B 117 23.16 -9.42 -13.10
C GLY B 117 23.40 -8.80 -11.73
N PRO B 118 24.13 -7.69 -11.68
CA PRO B 118 24.44 -7.00 -10.43
C PRO B 118 23.44 -5.92 -9.97
N ALA B 119 22.55 -5.42 -10.84
CA ALA B 119 21.62 -4.37 -10.45
C ALA B 119 20.17 -4.74 -10.03
N ARG B 120 19.64 -4.01 -9.07
CA ARG B 120 18.30 -4.21 -8.55
C ARG B 120 17.51 -2.94 -8.43
N VAL B 121 16.23 -3.01 -8.81
CA VAL B 121 15.33 -1.89 -8.62
C VAL B 121 14.68 -2.23 -7.25
N ILE B 122 14.76 -1.29 -6.31
CA ILE B 122 14.21 -1.40 -4.96
C ILE B 122 12.93 -0.59 -4.98
N TYR B 123 11.83 -1.15 -4.50
CA TYR B 123 10.54 -0.49 -4.49
C TYR B 123 9.77 -1.10 -3.33
N THR B 124 8.66 -0.47 -2.98
CA THR B 124 7.91 -0.94 -1.83
C THR B 124 6.76 -1.91 -2.02
N TYR B 125 6.52 -2.66 -0.96
CA TYR B 125 5.39 -3.52 -0.89
C TYR B 125 4.54 -2.80 0.21
N PRO B 126 3.23 -2.60 -0.04
CA PRO B 126 2.56 -3.03 -1.28
C PRO B 126 2.27 -1.99 -2.33
N ASN B 127 2.56 -0.74 -2.04
CA ASN B 127 2.24 0.32 -3.00
C ASN B 127 3.09 0.52 -4.24
N LYS B 128 4.27 -0.09 -4.26
CA LYS B 128 5.21 0.02 -5.36
C LYS B 128 5.84 1.38 -5.54
N VAL B 129 6.11 2.07 -4.44
CA VAL B 129 6.82 3.33 -4.56
C VAL B 129 8.26 2.96 -4.97
N PHE B 130 8.82 3.68 -5.95
CA PHE B 130 10.17 3.44 -6.43
C PHE B 130 11.13 4.10 -5.47
N CYS B 131 12.09 3.32 -4.93
CA CYS B 131 13.10 3.85 -4.00
C CYS B 131 14.45 4.23 -4.63
N GLY B 132 14.94 3.40 -5.55
CA GLY B 132 16.21 3.63 -6.20
C GLY B 132 16.81 2.37 -6.84
N ILE B 133 17.99 2.50 -7.41
CA ILE B 133 18.64 1.38 -8.03
C ILE B 133 19.95 1.20 -7.25
N VAL B 134 20.27 -0.07 -6.98
CA VAL B 134 21.44 -0.45 -6.23
C VAL B 134 22.15 -1.52 -7.02
N ALA B 135 23.40 -1.81 -6.71
CA ALA B 135 24.11 -2.81 -7.46
C ALA B 135 25.17 -3.40 -6.60
N HIS B 136 25.36 -4.71 -6.82
CA HIS B 136 26.36 -5.51 -6.12
C HIS B 136 27.74 -4.90 -6.38
N GLN B 137 28.64 -5.04 -5.42
CA GLN B 137 29.92 -4.42 -5.62
C GLN B 137 30.88 -5.17 -6.52
N ARG B 138 30.85 -6.49 -6.51
CA ARG B 138 31.75 -7.23 -7.39
C ARG B 138 31.03 -8.40 -8.01
N GLY B 139 30.90 -8.39 -9.32
CA GLY B 139 30.14 -9.46 -9.94
C GLY B 139 28.70 -9.36 -9.42
N ASN B 140 28.01 -10.50 -9.29
CA ASN B 140 26.64 -10.57 -8.73
C ASN B 140 26.64 -10.74 -7.21
N GLN B 141 27.76 -10.48 -6.54
CA GLN B 141 27.89 -10.60 -5.07
C GLN B 141 28.53 -9.42 -4.33
N GLY B 142 28.68 -9.64 -3.03
CA GLY B 142 29.19 -8.60 -2.14
C GLY B 142 28.00 -7.74 -1.69
N ASP B 143 28.34 -6.55 -1.20
CA ASP B 143 27.37 -5.57 -0.76
C ASP B 143 26.56 -4.89 -1.91
N LEU B 144 25.27 -4.60 -1.68
CA LEU B 144 24.47 -3.85 -2.63
C LEU B 144 24.77 -2.40 -2.25
N ARG B 145 25.12 -1.56 -3.20
CA ARG B 145 25.41 -0.17 -2.92
C ARG B 145 24.47 0.68 -3.70
N LEU B 146 24.09 1.83 -3.15
CA LEU B 146 23.20 2.72 -3.85
C LEU B 146 23.91 3.36 -5.07
N CYS B 147 23.24 3.35 -6.24
CA CYS B 147 23.81 3.93 -7.45
C CYS B 147 23.59 5.44 -7.40
N SER B 148 24.24 6.20 -8.26
CA SER B 148 24.09 7.66 -8.24
C SER B 148 23.24 8.12 -9.40
N HIS B 149 22.57 9.25 -9.24
CA HIS B 149 21.75 9.78 -10.35
C HIS B 149 21.70 11.29 -10.19
#